data_3E5Y
#
_entry.id   3E5Y
#
_cell.length_a   46.724
_cell.length_b   80.532
_cell.length_c   80.882
_cell.angle_alpha   90.00
_cell.angle_beta   90.00
_cell.angle_gamma   90.00
#
_symmetry.space_group_name_H-M   'P 21 21 21'
#
loop_
_entity.id
_entity.type
_entity.pdbx_description
1 polymer 'TrmH family RNA methyltransferase'
2 water water
#
_entity_poly.entity_id   1
_entity_poly.type   'polypeptide(L)'
_entity_poly.pdbx_seq_one_letter_code
;GPGSMFNVVLVEPEIPPNTGNVIRLCANTGARLHLIEPLGFPLDDAKMRRAGLDYHEYAQMRVHRDWDAFVAAEAPDPAR
MFAFTTRGSGRFHDRAFEPGDWFVFGAETRGLAPALVDRFAPEQRVRLPMRPGNRSLNLSNTVAVVVFEAWRQAGFEGGA
;
_entity_poly.pdbx_strand_id   A,B
#
# COMPACT_ATOMS: atom_id res chain seq x y z
N MET A 5 -13.65 -3.84 -11.04
CA MET A 5 -13.90 -2.70 -10.09
C MET A 5 -13.04 -1.42 -10.33
N PHE A 6 -11.73 -1.61 -10.36
CA PHE A 6 -10.79 -0.52 -10.68
C PHE A 6 -9.68 -1.02 -11.55
N ASN A 7 -9.00 -0.08 -12.17
CA ASN A 7 -7.95 -0.39 -13.15
C ASN A 7 -6.68 0.30 -12.75
N VAL A 8 -5.62 -0.48 -12.63
CA VAL A 8 -4.32 0.07 -12.38
C VAL A 8 -3.50 -0.05 -13.65
N VAL A 9 -2.84 1.06 -13.99
CA VAL A 9 -1.94 1.14 -15.12
C VAL A 9 -0.53 1.56 -14.71
N LEU A 10 0.40 0.65 -14.92
CA LEU A 10 1.82 0.93 -14.69
C LEU A 10 2.50 1.10 -16.03
N VAL A 11 3.05 2.31 -16.20
CA VAL A 11 3.70 2.72 -17.44
C VAL A 11 5.21 2.51 -17.28
N GLU A 12 5.74 1.56 -18.03
CA GLU A 12 7.16 1.22 -17.96
C GLU A 12 7.66 1.05 -16.52
N PRO A 13 7.05 0.10 -15.77
CA PRO A 13 7.63 -0.33 -14.48
C PRO A 13 9.07 -0.84 -14.65
N GLU A 14 9.92 -0.57 -13.66
CA GLU A 14 11.35 -0.84 -13.81
C GLU A 14 11.82 -1.97 -12.93
N ILE A 15 11.39 -1.89 -11.68
CA ILE A 15 11.67 -2.87 -10.60
C ILE A 15 10.60 -3.97 -10.46
N PRO A 16 10.98 -5.21 -10.83
CA PRO A 16 10.12 -6.39 -10.70
C PRO A 16 9.25 -6.44 -9.45
N PRO A 17 9.86 -6.42 -8.26
CA PRO A 17 9.15 -6.65 -7.01
C PRO A 17 7.92 -5.77 -6.87
N ASN A 18 8.05 -4.55 -7.37
CA ASN A 18 6.93 -3.62 -7.25
C ASN A 18 5.71 -4.16 -8.00
N THR A 19 5.97 -4.80 -9.13
CA THR A 19 4.91 -5.27 -10.02
C THR A 19 4.32 -6.55 -9.45
N GLY A 20 5.16 -7.29 -8.75
CA GLY A 20 4.71 -8.49 -8.07
C GLY A 20 3.79 -8.10 -6.94
N ASN A 21 4.15 -7.01 -6.27
CA ASN A 21 3.32 -6.49 -5.17
C ASN A 21 1.98 -5.99 -5.67
N VAL A 22 2.01 -5.41 -6.87
CA VAL A 22 0.81 -4.80 -7.41
C VAL A 22 -0.06 -5.95 -7.93
N ILE A 23 0.60 -6.96 -8.46
CA ILE A 23 -0.17 -8.13 -8.91
C ILE A 23 -0.94 -8.73 -7.71
N ARG A 24 -0.27 -8.84 -6.58
CA ARG A 24 -0.90 -9.29 -5.34
C ARG A 24 -1.94 -8.31 -4.81
N LEU A 25 -1.66 -7.02 -4.93
CA LEU A 25 -2.63 -6.04 -4.44
C LEU A 25 -3.91 -6.15 -5.25
N CYS A 26 -3.73 -6.43 -6.54
CA CYS A 26 -4.86 -6.50 -7.48
C CYS A 26 -5.71 -7.72 -7.18
N ALA A 27 -5.04 -8.85 -7.11
CA ALA A 27 -5.71 -10.11 -6.78
C ALA A 27 -6.61 -9.87 -5.56
N ASN A 28 -6.03 -9.14 -4.60
CA ASN A 28 -6.56 -9.08 -3.22
C ASN A 28 -7.70 -8.08 -3.13
N THR A 29 -7.83 -7.24 -4.15
CA THR A 29 -8.83 -6.18 -4.07
C THR A 29 -9.78 -6.24 -5.23
N GLY A 30 -9.40 -6.97 -6.24
CA GLY A 30 -10.25 -7.13 -7.44
C GLY A 30 -9.96 -6.18 -8.57
N ALA A 31 -8.87 -5.46 -8.49
CA ALA A 31 -8.52 -4.50 -9.54
C ALA A 31 -7.86 -5.19 -10.74
N ARG A 32 -8.13 -4.67 -11.93
CA ARG A 32 -7.53 -5.16 -13.16
C ARG A 32 -6.25 -4.41 -13.45
N LEU A 33 -5.24 -5.17 -13.85
CA LEU A 33 -3.90 -4.64 -14.05
C LEU A 33 -3.56 -4.52 -15.52
N HIS A 34 -3.03 -3.35 -15.85
CA HIS A 34 -2.49 -3.02 -17.17
C HIS A 34 -1.02 -2.55 -17.12
N LEU A 35 -0.19 -3.17 -17.94
CA LEU A 35 1.23 -2.80 -18.07
C LEU A 35 1.50 -2.21 -19.42
N ILE A 36 2.30 -1.14 -19.43
CA ILE A 36 2.68 -0.50 -20.69
C ILE A 36 4.17 -0.73 -20.95
N GLU A 37 4.47 -1.38 -22.06
CA GLU A 37 5.86 -1.59 -22.53
C GLU A 37 6.52 -0.24 -22.79
N PRO A 38 7.77 -0.33 -23.22
CA PRO A 38 8.61 -1.29 -22.50
C PRO A 38 8.76 -1.35 -20.99
N LEU A 39 8.84 -2.59 -20.50
CA LEU A 39 9.08 -2.87 -19.07
C LEU A 39 10.56 -2.97 -18.70
N GLY A 40 10.80 -3.04 -17.41
CA GLY A 40 12.14 -3.04 -16.89
C GLY A 40 12.67 -4.45 -16.72
N PHE A 41 11.79 -5.40 -16.93
CA PHE A 41 12.06 -6.79 -16.53
C PHE A 41 11.23 -7.69 -17.41
N PRO A 42 11.67 -8.94 -17.59
CA PRO A 42 10.82 -9.89 -18.32
C PRO A 42 9.66 -10.31 -17.48
N LEU A 43 8.55 -10.57 -18.13
CA LEU A 43 7.37 -11.05 -17.42
C LEU A 43 7.11 -12.45 -17.94
N ASP A 44 6.73 -13.31 -17.02
CA ASP A 44 6.91 -14.74 -17.14
C ASP A 44 6.13 -15.48 -16.10
N ASP A 45 5.51 -16.58 -16.50
CA ASP A 45 4.66 -17.32 -15.59
C ASP A 45 5.53 -17.93 -14.47
N ALA A 46 6.64 -18.55 -14.85
CA ALA A 46 7.55 -19.21 -13.88
C ALA A 46 8.12 -18.19 -12.91
N LYS A 47 8.65 -17.13 -13.48
CA LYS A 47 9.29 -16.06 -12.70
C LYS A 47 8.33 -15.58 -11.59
N MET A 48 7.07 -15.44 -11.98
CA MET A 48 6.05 -14.86 -11.10
C MET A 48 5.71 -15.84 -9.99
N ARG A 49 5.86 -17.13 -10.33
CA ARG A 49 5.50 -18.24 -9.42
C ARG A 49 6.58 -18.45 -8.36
N ARG A 50 7.84 -18.32 -8.78
CA ARG A 50 8.98 -18.36 -7.82
C ARG A 50 9.02 -17.10 -6.94
N ALA A 51 8.36 -16.04 -7.39
CA ALA A 51 8.29 -14.78 -6.62
C ALA A 51 7.11 -14.88 -5.65
N GLY A 52 6.40 -15.98 -5.76
CA GLY A 52 5.37 -16.33 -4.78
C GLY A 52 3.97 -15.94 -5.22
N LEU A 53 3.83 -15.64 -6.51
CA LEU A 53 2.50 -15.35 -7.12
C LEU A 53 1.75 -16.61 -7.64
N ASP A 54 0.50 -16.74 -7.22
CA ASP A 54 -0.37 -17.80 -7.77
C ASP A 54 -0.76 -17.47 -9.19
N TYR A 55 -1.46 -18.40 -9.82
CA TYR A 55 -1.88 -18.27 -11.23
C TYR A 55 -3.24 -17.56 -11.39
N HIS A 56 -4.08 -17.58 -10.36
CA HIS A 56 -5.30 -16.73 -10.39
C HIS A 56 -4.88 -15.28 -10.33
N GLU A 57 -3.77 -15.04 -9.67
CA GLU A 57 -3.38 -13.67 -9.41
C GLU A 57 -2.98 -12.98 -10.69
N TYR A 58 -2.03 -13.60 -11.41
CA TYR A 58 -1.46 -12.94 -12.60
C TYR A 58 -2.07 -13.34 -13.92
N ALA A 59 -2.97 -14.32 -13.92
CA ALA A 59 -3.49 -14.84 -15.20
C ALA A 59 -4.11 -13.72 -16.05
N GLN A 60 -5.01 -12.95 -15.44
CA GLN A 60 -5.87 -11.99 -16.19
C GLN A 60 -5.38 -10.51 -16.11
N MET A 61 -4.13 -10.31 -16.51
CA MET A 61 -3.55 -8.97 -16.57
C MET A 61 -3.30 -8.70 -18.04
N ARG A 62 -3.14 -7.44 -18.42
CA ARG A 62 -2.97 -7.11 -19.81
C ARG A 62 -1.70 -6.30 -20.06
N VAL A 63 -0.96 -6.67 -21.08
CA VAL A 63 0.28 -6.00 -21.40
C VAL A 63 0.02 -5.30 -22.71
N HIS A 64 0.35 -4.01 -22.76
CA HIS A 64 0.16 -3.22 -23.98
C HIS A 64 1.50 -2.73 -24.47
N ARG A 65 1.54 -2.43 -25.77
CA ARG A 65 2.82 -2.15 -26.46
C ARG A 65 3.34 -0.75 -26.21
N ASP A 66 2.39 0.14 -26.04
CA ASP A 66 2.68 1.55 -25.73
C ASP A 66 1.36 2.23 -25.42
N TRP A 67 1.44 3.51 -25.15
CA TRP A 67 0.29 4.22 -24.57
C TRP A 67 -0.86 4.27 -25.55
N ASP A 68 -0.53 4.51 -26.80
CA ASP A 68 -1.47 4.54 -27.95
C ASP A 68 -2.17 3.20 -28.14
N ALA A 69 -1.41 2.14 -28.01
CA ALA A 69 -1.96 0.81 -28.20
C ALA A 69 -2.97 0.56 -27.10
N PHE A 70 -2.68 1.11 -25.92
CA PHE A 70 -3.50 0.89 -24.71
C PHE A 70 -4.80 1.68 -24.83
N VAL A 71 -4.67 2.86 -25.39
CA VAL A 71 -5.77 3.78 -25.49
C VAL A 71 -6.67 3.17 -26.49
N ALA A 72 -6.07 2.53 -27.46
CA ALA A 72 -6.80 1.90 -28.58
C ALA A 72 -7.60 0.69 -28.11
N ALA A 73 -6.92 -0.14 -27.32
CA ALA A 73 -7.44 -1.48 -26.97
C ALA A 73 -8.47 -1.36 -25.88
N GLU A 74 -8.31 -0.35 -25.05
CA GLU A 74 -9.17 -0.22 -23.86
C GLU A 74 -10.19 0.90 -23.93
N ALA A 75 -9.85 1.95 -24.67
CA ALA A 75 -10.75 3.13 -24.79
C ALA A 75 -11.25 3.59 -23.42
N PRO A 76 -10.34 3.89 -22.49
CA PRO A 76 -10.78 4.43 -21.20
C PRO A 76 -11.50 5.76 -21.32
N ASP A 77 -12.50 5.91 -20.48
CA ASP A 77 -13.21 7.20 -20.36
C ASP A 77 -12.20 8.17 -19.78
N PRO A 78 -11.87 9.25 -20.52
CA PRO A 78 -10.87 10.26 -20.14
C PRO A 78 -11.16 10.96 -18.83
N ALA A 79 -12.43 11.17 -18.56
CA ALA A 79 -12.88 11.90 -17.35
C ALA A 79 -12.73 11.02 -16.11
N ARG A 80 -12.52 9.74 -16.33
CA ARG A 80 -12.38 8.81 -15.22
C ARG A 80 -11.00 8.10 -15.30
N MET A 81 -10.05 8.80 -15.90
CA MET A 81 -8.66 8.29 -15.97
C MET A 81 -7.76 9.28 -15.30
N PHE A 82 -7.18 8.86 -14.18
CA PHE A 82 -6.36 9.76 -13.33
C PHE A 82 -4.88 9.40 -13.29
N ALA A 83 -4.08 10.40 -13.63
CA ALA A 83 -2.62 10.34 -13.58
C ALA A 83 -2.05 10.85 -12.27
N PHE A 84 -1.09 10.08 -11.76
CA PHE A 84 -0.31 10.47 -10.60
C PHE A 84 0.93 11.23 -11.01
N THR A 85 0.89 12.49 -10.68
CA THR A 85 1.96 13.43 -10.95
C THR A 85 1.96 14.49 -9.86
N THR A 86 3.09 15.17 -9.71
CA THR A 86 3.14 16.27 -8.73
C THR A 86 2.92 17.65 -9.39
N ARG A 87 3.20 17.72 -10.69
CA ARG A 87 2.94 18.95 -11.52
C ARG A 87 1.48 19.13 -12.01
N GLY A 88 0.87 20.24 -11.58
CA GLY A 88 -0.50 20.63 -12.03
C GLY A 88 -1.61 19.79 -11.43
N SER A 89 -1.30 19.15 -10.33
CA SER A 89 -2.20 18.20 -9.72
C SER A 89 -2.88 18.60 -8.41
N GLY A 90 -4.09 18.09 -8.30
CA GLY A 90 -4.81 18.08 -7.05
C GLY A 90 -4.43 16.92 -6.15
N ARG A 91 -4.90 17.05 -4.93
CA ARG A 91 -4.82 16.01 -3.93
C ARG A 91 -5.81 14.91 -4.18
N PHE A 92 -5.27 13.71 -4.18
CA PHE A 92 -6.01 12.48 -4.52
C PHE A 92 -7.28 12.30 -3.73
N HIS A 93 -7.12 12.39 -2.43
CA HIS A 93 -8.22 12.17 -1.49
C HIS A 93 -9.35 13.20 -1.59
N ASP A 94 -9.14 14.22 -2.43
CA ASP A 94 -10.13 15.32 -2.56
C ASP A 94 -11.04 15.06 -3.75
N ARG A 95 -10.98 13.86 -4.28
CA ARG A 95 -11.87 13.49 -5.37
C ARG A 95 -12.71 12.27 -5.08
N ALA A 96 -13.80 12.15 -5.84
CA ALA A 96 -14.71 10.99 -5.77
C ALA A 96 -14.47 10.03 -6.94
N PHE A 97 -14.39 8.75 -6.61
CA PHE A 97 -14.00 7.70 -7.56
C PHE A 97 -15.11 6.68 -7.69
N GLU A 98 -15.23 6.15 -8.89
CA GLU A 98 -16.33 5.31 -9.27
C GLU A 98 -15.77 3.99 -9.75
N PRO A 99 -16.57 2.92 -9.66
CA PRO A 99 -16.13 1.68 -10.27
C PRO A 99 -15.75 1.93 -11.72
N GLY A 100 -14.66 1.34 -12.15
CA GLY A 100 -14.31 1.36 -13.55
C GLY A 100 -13.22 2.35 -13.84
N ASP A 101 -13.00 3.27 -12.89
CA ASP A 101 -11.88 4.22 -12.94
C ASP A 101 -10.50 3.60 -13.19
N TRP A 102 -9.68 4.38 -13.87
CA TRP A 102 -8.30 4.07 -14.24
C TRP A 102 -7.30 4.94 -13.45
N PHE A 103 -6.31 4.31 -12.85
CA PHE A 103 -5.28 5.02 -12.11
C PHE A 103 -3.96 4.73 -12.78
N VAL A 104 -3.25 5.79 -13.12
CA VAL A 104 -2.12 5.72 -14.03
C VAL A 104 -0.87 6.18 -13.32
N PHE A 105 0.07 5.24 -13.19
CA PHE A 105 1.35 5.46 -12.53
C PHE A 105 2.55 5.26 -13.43
N GLY A 106 3.53 6.10 -13.15
CA GLY A 106 4.84 6.07 -13.80
C GLY A 106 5.88 5.28 -13.04
N ALA A 107 6.99 5.01 -13.75
CA ALA A 107 8.11 4.17 -13.25
C ALA A 107 8.64 4.72 -11.96
N GLU A 108 9.28 3.87 -11.17
CA GLU A 108 9.64 4.33 -9.81
C GLU A 108 10.66 5.48 -9.86
N THR A 109 11.51 5.42 -10.87
CA THR A 109 12.68 6.31 -10.95
C THR A 109 12.31 7.73 -11.32
N ARG A 110 11.47 7.89 -12.33
CA ARG A 110 11.16 9.21 -12.88
C ARG A 110 9.72 9.63 -12.72
N GLY A 111 8.86 8.64 -12.57
CA GLY A 111 7.44 8.88 -12.64
C GLY A 111 7.04 9.02 -14.09
N LEU A 112 5.88 9.60 -14.30
CA LEU A 112 5.34 9.78 -15.65
C LEU A 112 6.13 10.77 -16.47
N ALA A 113 6.62 10.30 -17.61
CA ALA A 113 7.21 11.17 -18.62
C ALA A 113 6.34 12.42 -18.82
N PRO A 114 6.95 13.60 -18.91
CA PRO A 114 6.26 14.90 -19.13
C PRO A 114 5.23 14.88 -20.25
N ALA A 115 5.66 14.20 -21.30
CA ALA A 115 4.95 14.13 -22.57
C ALA A 115 3.62 13.47 -22.35
N LEU A 116 3.62 12.52 -21.43
CA LEU A 116 2.45 11.69 -21.12
C LEU A 116 1.50 12.45 -20.19
N VAL A 117 2.13 13.16 -19.27
CA VAL A 117 1.41 13.94 -18.28
C VAL A 117 0.66 15.04 -19.06
N ASP A 118 1.18 15.34 -20.26
CA ASP A 118 0.66 16.44 -21.09
C ASP A 118 -0.72 16.13 -21.65
N ARG A 119 -1.02 14.85 -21.76
CA ARG A 119 -2.30 14.36 -22.26
C ARG A 119 -3.38 14.33 -21.16
N PHE A 120 -2.99 14.76 -19.99
CA PHE A 120 -3.90 14.76 -18.84
C PHE A 120 -4.37 16.17 -18.47
N ALA A 121 -5.69 16.32 -18.40
CA ALA A 121 -6.33 17.56 -17.95
C ALA A 121 -5.97 17.68 -16.45
N PRO A 122 -5.94 18.93 -15.93
CA PRO A 122 -5.55 19.19 -14.57
C PRO A 122 -6.42 18.45 -13.59
N GLU A 123 -7.70 18.39 -13.92
CA GLU A 123 -8.67 17.77 -13.04
C GLU A 123 -8.55 16.24 -13.11
N GLN A 124 -7.71 15.75 -14.00
CA GLN A 124 -7.45 14.32 -14.08
C GLN A 124 -6.01 14.06 -13.59
N ARG A 125 -5.49 15.02 -12.87
CA ARG A 125 -4.14 14.86 -12.29
C ARG A 125 -4.25 14.86 -10.77
N VAL A 126 -3.49 13.98 -10.17
CA VAL A 126 -3.52 13.77 -8.73
C VAL A 126 -2.20 13.35 -8.11
N ARG A 127 -2.10 13.68 -6.83
CA ARG A 127 -0.94 13.25 -6.01
C ARG A 127 -1.38 12.76 -4.64
N LEU A 128 -0.57 11.90 -4.10
CA LEU A 128 -0.68 11.52 -2.73
C LEU A 128 -0.06 12.53 -1.82
N PRO A 129 -0.71 12.79 -0.72
CA PRO A 129 -0.19 13.66 0.29
C PRO A 129 1.05 13.08 0.89
N MET A 130 1.99 13.94 1.20
CA MET A 130 3.32 13.51 1.49
C MET A 130 4.08 14.66 2.09
N ARG A 131 5.00 14.36 2.99
CA ARG A 131 5.87 15.36 3.55
C ARG A 131 6.77 15.90 2.49
N PRO A 132 6.76 17.21 2.35
CA PRO A 132 7.58 17.82 1.33
C PRO A 132 9.04 17.57 1.57
N GLY A 133 9.72 17.31 0.47
CA GLY A 133 11.09 16.88 0.47
C GLY A 133 11.50 16.62 -0.97
N ASN A 134 11.87 15.40 -1.29
CA ASN A 134 11.81 14.31 -0.37
C ASN A 134 12.35 13.11 -1.06
N ARG A 135 11.41 12.31 -1.53
CA ARG A 135 11.72 11.20 -2.39
C ARG A 135 10.38 10.68 -2.75
N SER A 136 10.33 9.62 -3.53
CA SER A 136 9.08 9.08 -3.95
C SER A 136 8.59 8.06 -2.96
N LEU A 137 7.30 7.98 -2.76
CA LEU A 137 6.73 6.87 -2.09
C LEU A 137 6.99 5.71 -2.98
N ASN A 138 7.32 4.57 -2.42
CA ASN A 138 7.48 3.39 -3.21
C ASN A 138 6.29 3.19 -4.15
N LEU A 139 6.54 2.72 -5.35
CA LEU A 139 5.52 2.45 -6.32
C LEU A 139 4.35 1.60 -5.89
N SER A 140 4.62 0.44 -5.37
CA SER A 140 3.57 -0.42 -4.92
C SER A 140 2.80 0.06 -3.71
N ASN A 141 3.45 0.77 -2.82
CA ASN A 141 2.77 1.36 -1.71
C ASN A 141 1.85 2.42 -2.18
N THR A 142 2.31 3.21 -3.13
CA THR A 142 1.48 4.26 -3.72
C THR A 142 0.22 3.65 -4.29
N VAL A 143 0.40 2.57 -5.04
CA VAL A 143 -0.76 1.93 -5.74
C VAL A 143 -1.77 1.34 -4.76
N ALA A 144 -1.24 0.72 -3.71
CA ALA A 144 -2.11 0.11 -2.69
C ALA A 144 -2.92 1.19 -1.95
N VAL A 145 -2.32 2.34 -1.66
CA VAL A 145 -3.03 3.40 -0.92
C VAL A 145 -4.20 3.92 -1.77
N VAL A 146 -3.95 4.02 -3.07
CA VAL A 146 -4.92 4.52 -4.05
C VAL A 146 -6.08 3.60 -4.29
N VAL A 147 -5.78 2.33 -4.49
CA VAL A 147 -6.83 1.37 -4.73
C VAL A 147 -7.71 1.31 -3.47
N PHE A 148 -7.07 1.18 -2.32
CA PHE A 148 -7.83 1.02 -1.06
C PHE A 148 -8.72 2.21 -0.71
N GLU A 149 -8.33 3.37 -1.17
CA GLU A 149 -9.08 4.60 -0.90
C GLU A 149 -10.28 4.67 -1.79
N ALA A 150 -10.03 4.38 -3.07
CA ALA A 150 -11.11 4.33 -4.04
C ALA A 150 -12.06 3.25 -3.54
N TRP A 151 -11.52 2.12 -3.13
CA TRP A 151 -12.36 0.98 -2.70
C TRP A 151 -13.14 1.34 -1.44
N ARG A 152 -12.48 2.11 -0.57
CA ARG A 152 -13.14 2.60 0.65
C ARG A 152 -14.36 3.47 0.26
N GLN A 153 -14.17 4.28 -0.77
CA GLN A 153 -15.23 5.19 -1.22
C GLN A 153 -16.34 4.36 -1.80
N ALA A 154 -16.02 3.16 -2.27
CA ALA A 154 -16.95 2.22 -2.86
C ALA A 154 -17.58 1.25 -1.91
N GLY A 155 -17.40 1.48 -0.63
CA GLY A 155 -17.91 0.62 0.41
C GLY A 155 -17.21 -0.69 0.64
N PHE A 156 -16.00 -0.83 0.13
CA PHE A 156 -15.33 -2.10 0.15
C PHE A 156 -16.24 -3.17 -0.30
N GLU A 157 -17.01 -2.84 -1.30
CA GLU A 157 -17.80 -3.70 -2.12
C GLU A 157 -17.12 -4.98 -2.51
N GLY A 158 -17.65 -6.08 -2.00
CA GLY A 158 -17.14 -7.40 -2.27
C GLY A 158 -16.04 -7.85 -1.37
N GLY A 159 -15.84 -7.17 -0.27
CA GLY A 159 -14.74 -7.47 0.59
C GLY A 159 -15.03 -7.88 2.00
N ALA A 160 -13.95 -7.97 2.73
CA ALA A 160 -13.83 -8.45 4.12
C ALA A 160 -13.27 -9.84 3.97
N MET B 5 3.98 10.97 14.52
CA MET B 5 2.50 11.12 14.46
C MET B 5 1.87 9.78 14.71
N PHE B 6 2.18 8.83 13.86
CA PHE B 6 1.78 7.42 14.14
C PHE B 6 2.98 6.57 14.37
N ASN B 7 2.77 5.54 15.21
CA ASN B 7 3.74 4.49 15.50
C ASN B 7 3.35 3.18 14.81
N VAL B 8 4.30 2.69 14.05
CA VAL B 8 4.24 1.46 13.34
C VAL B 8 5.19 0.56 14.06
N VAL B 9 4.70 -0.64 14.40
CA VAL B 9 5.46 -1.65 15.11
C VAL B 9 5.50 -2.94 14.34
N LEU B 10 6.69 -3.37 14.01
CA LEU B 10 6.89 -4.64 13.31
C LEU B 10 7.48 -5.68 14.23
N VAL B 11 6.70 -6.74 14.40
CA VAL B 11 7.06 -7.88 15.26
C VAL B 11 7.81 -8.99 14.45
N GLU B 12 9.10 -9.09 14.75
CA GLU B 12 10.01 -10.12 14.17
C GLU B 12 9.90 -10.19 12.67
N PRO B 13 10.15 -9.12 11.97
CA PRO B 13 10.01 -9.15 10.52
C PRO B 13 11.03 -10.01 9.80
N GLU B 14 10.64 -10.56 8.68
CA GLU B 14 11.43 -11.56 8.05
C GLU B 14 12.21 -11.17 6.82
N ILE B 15 11.56 -10.43 5.94
CA ILE B 15 12.07 -10.06 4.63
C ILE B 15 12.71 -8.71 4.69
N PRO B 16 13.97 -8.65 4.43
CA PRO B 16 14.62 -7.37 4.48
C PRO B 16 13.95 -6.25 3.67
N PRO B 17 13.57 -6.47 2.44
CA PRO B 17 13.02 -5.41 1.64
C PRO B 17 11.77 -4.74 2.16
N ASN B 18 11.01 -5.48 2.93
CA ASN B 18 9.75 -4.96 3.49
C ASN B 18 10.00 -3.81 4.48
N THR B 19 11.05 -3.99 5.28
CA THR B 19 11.38 -3.09 6.40
C THR B 19 11.99 -1.85 5.81
N GLY B 20 12.96 -2.09 4.94
CA GLY B 20 13.42 -1.07 4.04
C GLY B 20 12.28 -0.21 3.53
N ASN B 21 11.24 -0.83 2.95
CA ASN B 21 10.13 -0.06 2.35
C ASN B 21 9.37 0.66 3.43
N VAL B 22 9.31 0.04 4.60
CA VAL B 22 8.54 0.58 5.71
C VAL B 22 9.26 1.78 6.32
N ILE B 23 10.57 1.58 6.51
CA ILE B 23 11.44 2.67 6.91
C ILE B 23 11.22 3.89 6.04
N ARG B 24 11.29 3.73 4.74
CA ARG B 24 11.03 4.82 3.88
C ARG B 24 9.66 5.38 3.93
N LEU B 25 8.66 4.55 4.17
CA LEU B 25 7.29 5.05 4.27
C LEU B 25 7.12 5.89 5.49
N CYS B 26 7.88 5.60 6.53
CA CYS B 26 7.79 6.40 7.77
C CYS B 26 8.38 7.81 7.57
N ALA B 27 9.52 7.87 6.90
CA ALA B 27 10.15 9.15 6.56
C ALA B 27 9.14 9.98 5.82
N ASN B 28 8.48 9.38 4.83
CA ASN B 28 7.59 10.14 3.88
C ASN B 28 6.34 10.61 4.54
N THR B 29 6.05 10.07 5.71
CA THR B 29 4.76 10.30 6.39
C THR B 29 4.84 10.81 7.83
N GLY B 30 6.05 10.81 8.37
CA GLY B 30 6.32 11.36 9.71
C GLY B 30 6.06 10.34 10.81
N ALA B 31 5.92 9.09 10.42
CA ALA B 31 5.63 8.00 11.36
C ALA B 31 6.88 7.46 11.97
N ARG B 32 6.76 7.01 13.21
CA ARG B 32 7.83 6.35 13.93
C ARG B 32 7.81 4.83 13.80
N LEU B 33 8.99 4.25 13.71
CA LEU B 33 9.17 2.79 13.54
C LEU B 33 9.82 2.08 14.71
N HIS B 34 9.17 1.01 15.11
CA HIS B 34 9.56 0.14 16.17
C HIS B 34 9.67 -1.27 15.66
N LEU B 35 10.80 -1.90 15.93
CA LEU B 35 11.07 -3.27 15.58
C LEU B 35 11.19 -4.22 16.76
N ILE B 36 10.50 -5.33 16.72
CA ILE B 36 10.63 -6.28 17.77
C ILE B 36 11.38 -7.47 17.33
N GLU B 37 12.55 -7.62 17.91
CA GLU B 37 13.43 -8.72 17.72
C GLU B 37 12.85 -10.01 18.20
N PRO B 38 13.36 -11.10 17.67
CA PRO B 38 14.42 -11.09 16.68
C PRO B 38 14.00 -10.80 15.25
N LEU B 39 14.85 -10.12 14.52
CA LEU B 39 14.70 -9.86 13.11
C LEU B 39 15.24 -10.96 12.26
N GLY B 40 14.71 -11.07 11.08
CA GLY B 40 15.10 -12.09 10.16
C GLY B 40 16.31 -11.69 9.40
N PHE B 41 16.87 -10.56 9.76
CA PHE B 41 17.97 -9.96 8.97
C PHE B 41 18.79 -8.88 9.69
N PRO B 42 20.01 -8.66 9.25
CA PRO B 42 20.79 -7.61 9.86
C PRO B 42 20.27 -6.27 9.47
N LEU B 43 20.44 -5.31 10.37
CA LEU B 43 19.97 -3.97 10.10
C LEU B 43 20.92 -2.88 10.59
N ASP B 44 21.74 -2.36 9.68
CA ASP B 44 22.81 -1.41 10.05
C ASP B 44 22.52 0.05 9.74
N GLN B 60 12.85 8.07 12.18
CA GLN B 60 12.80 7.94 13.64
C GLN B 60 12.49 6.51 14.00
N MET B 61 13.51 5.78 14.46
CA MET B 61 13.47 4.30 14.50
C MET B 61 14.07 3.70 15.75
N ARG B 62 13.45 2.61 16.24
CA ARG B 62 13.94 1.94 17.47
C ARG B 62 13.65 0.44 17.51
N VAL B 63 14.70 -0.30 17.78
CA VAL B 63 14.66 -1.75 17.85
C VAL B 63 14.50 -2.17 19.28
N HIS B 64 13.62 -3.14 19.52
CA HIS B 64 13.38 -3.65 20.86
C HIS B 64 13.69 -5.14 20.93
N ARG B 65 13.99 -5.60 22.12
CA ARG B 65 14.55 -6.94 22.23
C ARG B 65 13.51 -8.04 22.16
N ASP B 66 12.35 -7.70 22.69
CA ASP B 66 11.15 -8.53 22.69
C ASP B 66 10.01 -7.63 23.18
N TRP B 67 8.86 -8.21 23.36
CA TRP B 67 7.63 -7.44 23.41
C TRP B 67 7.48 -6.72 24.74
N ASP B 68 7.86 -7.41 25.82
CA ASP B 68 7.74 -6.84 27.17
C ASP B 68 8.70 -5.71 27.29
N ALA B 69 9.83 -5.82 26.62
CA ALA B 69 10.84 -4.75 26.68
C ALA B 69 10.28 -3.53 25.99
N PHE B 70 9.54 -3.78 24.94
CA PHE B 70 8.97 -2.70 24.15
C PHE B 70 7.85 -2.03 24.97
N VAL B 71 7.12 -2.88 25.67
CA VAL B 71 6.01 -2.44 26.50
C VAL B 71 6.51 -1.65 27.64
N ALA B 72 7.70 -2.04 28.08
CA ALA B 72 8.37 -1.46 29.24
C ALA B 72 8.86 -0.07 28.91
N ALA B 73 9.54 -0.01 27.77
CA ALA B 73 10.19 1.21 27.31
C ALA B 73 9.22 2.23 26.72
N GLU B 74 8.17 1.77 26.08
CA GLU B 74 7.30 2.72 25.36
C GLU B 74 6.00 3.00 26.08
N ALA B 75 5.61 2.07 26.96
CA ALA B 75 4.37 2.14 27.72
C ALA B 75 3.25 2.76 26.91
N PRO B 76 2.89 2.12 25.77
CA PRO B 76 1.79 2.55 24.94
C PRO B 76 0.45 2.48 25.65
N ASP B 77 -0.46 3.34 25.21
CA ASP B 77 -1.83 3.31 25.74
C ASP B 77 -2.54 2.12 25.13
N PRO B 78 -2.93 1.16 25.98
CA PRO B 78 -3.50 -0.07 25.47
C PRO B 78 -4.73 0.17 24.65
N ALA B 79 -5.46 1.25 24.96
CA ALA B 79 -6.70 1.58 24.24
C ALA B 79 -6.39 2.08 22.81
N ARG B 80 -5.13 2.44 22.57
CA ARG B 80 -4.67 3.09 21.29
C ARG B 80 -3.64 2.25 20.49
N MET B 81 -3.45 1.03 20.95
CA MET B 81 -2.57 0.08 20.32
C MET B 81 -3.41 -0.98 19.62
N PHE B 82 -3.22 -1.09 18.31
CA PHE B 82 -4.06 -1.96 17.46
C PHE B 82 -3.24 -3.04 16.79
N ALA B 83 -3.77 -4.25 16.81
CA ALA B 83 -3.08 -5.41 16.25
C ALA B 83 -3.80 -5.86 15.03
N PHE B 84 -3.03 -6.30 14.05
CA PHE B 84 -3.57 -6.66 12.74
C PHE B 84 -3.63 -8.17 12.61
N THR B 85 -4.85 -8.66 12.78
CA THR B 85 -5.15 -10.10 12.86
C THR B 85 -6.54 -10.36 12.28
N THR B 86 -6.65 -11.54 11.70
CA THR B 86 -7.86 -11.88 10.96
C THR B 86 -8.84 -12.57 11.86
N ARG B 87 -8.37 -12.92 13.05
CA ARG B 87 -9.20 -13.51 14.11
C ARG B 87 -9.65 -12.54 15.19
N GLY B 88 -10.95 -12.51 15.38
CA GLY B 88 -11.60 -11.78 16.46
C GLY B 88 -11.50 -10.29 16.23
N SER B 89 -11.34 -9.94 14.98
CA SER B 89 -11.19 -8.54 14.59
C SER B 89 -12.33 -7.94 13.80
N GLY B 90 -12.35 -6.62 13.86
CA GLY B 90 -13.09 -5.83 12.90
C GLY B 90 -12.29 -5.20 11.77
N ARG B 91 -13.06 -4.44 11.02
CA ARG B 91 -12.54 -3.67 9.91
C ARG B 91 -11.80 -2.46 10.45
N PHE B 92 -10.57 -2.36 9.99
CA PHE B 92 -9.69 -1.27 10.35
C PHE B 92 -10.36 0.07 10.06
N HIS B 93 -11.02 0.17 8.92
CA HIS B 93 -11.65 1.44 8.47
C HIS B 93 -12.92 1.85 9.25
N ASP B 94 -13.38 0.99 10.13
CA ASP B 94 -14.58 1.29 10.92
C ASP B 94 -14.24 2.00 12.22
N ARG B 95 -12.96 2.14 12.48
CA ARG B 95 -12.49 2.77 13.70
C ARG B 95 -11.85 4.16 13.51
N ALA B 96 -11.94 4.98 14.54
CA ALA B 96 -11.37 6.31 14.54
C ALA B 96 -9.98 6.21 15.10
N PHE B 97 -9.05 6.88 14.46
CA PHE B 97 -7.67 6.84 14.90
C PHE B 97 -7.21 8.23 15.24
N GLU B 98 -6.22 8.26 16.09
CA GLU B 98 -5.73 9.49 16.66
C GLU B 98 -4.22 9.53 16.53
N PRO B 99 -3.63 10.74 16.50
CA PRO B 99 -2.16 10.74 16.43
C PRO B 99 -1.56 10.08 17.64
N GLY B 100 -0.45 9.44 17.36
CA GLY B 100 0.33 8.70 18.32
C GLY B 100 -0.33 7.36 18.64
N ASP B 101 -1.25 6.92 17.82
CA ASP B 101 -1.70 5.53 17.89
C ASP B 101 -0.58 4.60 17.50
N TRP B 102 -0.70 3.38 18.00
CA TRP B 102 0.22 2.27 17.75
C TRP B 102 -0.49 1.24 16.88
N PHE B 103 0.23 0.78 15.88
CA PHE B 103 -0.26 -0.15 14.85
C PHE B 103 0.71 -1.31 14.73
N VAL B 104 0.25 -2.49 15.14
CA VAL B 104 1.11 -3.62 15.37
C VAL B 104 0.89 -4.65 14.31
N PHE B 105 1.98 -4.93 13.58
CA PHE B 105 1.99 -5.92 12.50
C PHE B 105 2.95 -7.06 12.73
N GLY B 106 2.47 -8.26 12.43
CA GLY B 106 3.31 -9.45 12.39
C GLY B 106 4.01 -9.70 11.08
N ALA B 107 4.92 -10.67 11.11
CA ALA B 107 5.71 -11.11 9.92
C ALA B 107 4.83 -11.51 8.76
N GLU B 108 5.29 -11.25 7.56
CA GLU B 108 4.40 -11.41 6.38
C GLU B 108 3.87 -12.83 6.25
N THR B 109 4.61 -13.79 6.77
CA THR B 109 4.22 -15.19 6.66
C THR B 109 3.33 -15.65 7.79
N ARG B 110 3.86 -15.60 8.99
CA ARG B 110 3.10 -16.04 10.16
C ARG B 110 1.96 -15.12 10.51
N GLY B 111 2.25 -13.84 10.47
CA GLY B 111 1.41 -12.85 11.10
C GLY B 111 1.70 -12.92 12.57
N LEU B 112 0.79 -12.40 13.38
CA LEU B 112 1.06 -12.24 14.79
C LEU B 112 0.89 -13.56 15.52
N ALA B 113 1.93 -13.98 16.23
CA ALA B 113 1.80 -15.12 17.17
C ALA B 113 0.54 -15.02 18.04
N PRO B 114 -0.13 -16.16 18.25
CA PRO B 114 -1.45 -16.18 18.90
C PRO B 114 -1.36 -15.67 20.31
N ALA B 115 -0.22 -15.98 20.91
CA ALA B 115 0.08 -15.65 22.26
C ALA B 115 0.02 -14.13 22.43
N LEU B 116 0.43 -13.43 21.37
CA LEU B 116 0.54 -11.96 21.36
C LEU B 116 -0.81 -11.34 21.10
N VAL B 117 -1.46 -11.90 20.09
CA VAL B 117 -2.84 -11.56 19.76
C VAL B 117 -3.62 -11.68 21.07
N ASP B 118 -3.31 -12.68 21.91
CA ASP B 118 -4.10 -12.94 23.18
C ASP B 118 -4.03 -11.78 24.15
N ARG B 119 -3.09 -10.88 23.88
CA ARG B 119 -2.81 -9.70 24.73
C ARG B 119 -3.57 -8.49 24.24
N PHE B 120 -4.35 -8.70 23.19
CA PHE B 120 -5.14 -7.64 22.59
C PHE B 120 -6.64 -7.79 22.78
N ALA B 121 -7.26 -6.72 23.24
CA ALA B 121 -8.74 -6.73 23.43
C ALA B 121 -9.36 -6.70 22.02
N PRO B 122 -10.54 -7.35 21.87
CA PRO B 122 -11.31 -7.40 20.67
C PRO B 122 -11.36 -6.11 19.88
N GLU B 123 -11.57 -5.03 20.60
CA GLU B 123 -11.78 -3.68 20.01
C GLU B 123 -10.45 -3.15 19.49
N GLN B 124 -9.38 -3.85 19.84
CA GLN B 124 -8.05 -3.38 19.44
C GLN B 124 -7.52 -4.34 18.46
N ARG B 125 -8.43 -5.12 17.93
CA ARG B 125 -8.12 -6.10 16.86
C ARG B 125 -8.71 -5.61 15.51
N VAL B 126 -7.85 -5.55 14.51
CA VAL B 126 -8.21 -4.93 13.24
C VAL B 126 -7.71 -5.70 12.09
N ARG B 127 -8.41 -5.53 10.97
CA ARG B 127 -7.94 -6.13 9.72
C ARG B 127 -8.30 -5.29 8.49
N LEU B 128 -7.49 -5.42 7.45
CA LEU B 128 -7.80 -4.76 6.16
C LEU B 128 -8.86 -5.55 5.36
N PRO B 129 -9.87 -4.87 4.82
CA PRO B 129 -10.74 -5.58 3.90
C PRO B 129 -9.94 -6.26 2.79
N MET B 130 -10.37 -7.43 2.37
CA MET B 130 -9.76 -8.15 1.29
C MET B 130 -10.74 -9.06 0.65
N ARG B 131 -10.47 -9.50 -0.55
CA ARG B 131 -11.28 -10.58 -1.11
C ARG B 131 -10.92 -11.73 -0.21
N PRO B 132 -11.95 -12.47 0.22
CA PRO B 132 -11.72 -13.65 1.04
C PRO B 132 -11.01 -14.63 0.14
N GLY B 133 -10.02 -15.30 0.69
CA GLY B 133 -9.25 -16.10 -0.18
C GLY B 133 -7.96 -16.50 0.41
N ASN B 134 -7.23 -15.43 0.57
CA ASN B 134 -6.42 -14.98 -0.52
C ASN B 134 -5.10 -14.78 0.17
N ARG B 135 -4.03 -14.62 -0.60
CA ARG B 135 -2.72 -14.55 0.04
C ARG B 135 -2.58 -13.22 0.78
N SER B 136 -1.53 -13.13 1.56
CA SER B 136 -1.34 -11.93 2.36
C SER B 136 -0.87 -10.82 1.46
N LEU B 137 -1.41 -9.62 1.70
CA LEU B 137 -0.80 -8.40 1.12
C LEU B 137 0.64 -8.23 1.56
N ASN B 138 1.50 -7.88 0.61
CA ASN B 138 2.85 -7.51 1.01
C ASN B 138 2.79 -6.57 2.23
N LEU B 139 3.71 -6.79 3.16
CA LEU B 139 3.69 -6.11 4.47
C LEU B 139 3.81 -4.58 4.37
N SER B 140 4.67 -4.16 3.48
CA SER B 140 4.94 -2.74 3.27
C SER B 140 3.63 -2.10 2.78
N ASN B 141 2.85 -2.83 2.00
CA ASN B 141 1.64 -2.29 1.35
C ASN B 141 0.61 -2.14 2.40
N THR B 142 0.65 -3.12 3.30
CA THR B 142 -0.32 -3.21 4.37
C THR B 142 -0.08 -2.04 5.28
N VAL B 143 1.20 -1.82 5.58
CA VAL B 143 1.53 -0.71 6.48
C VAL B 143 1.19 0.65 5.81
N ALA B 144 1.54 0.80 4.55
CA ALA B 144 1.26 2.08 3.83
C ALA B 144 -0.24 2.44 3.85
N VAL B 145 -1.09 1.44 3.64
CA VAL B 145 -2.55 1.68 3.57
C VAL B 145 -3.08 2.11 4.92
N VAL B 146 -2.47 1.52 5.94
CA VAL B 146 -2.90 1.71 7.33
C VAL B 146 -2.56 3.12 7.74
N VAL B 147 -1.33 3.49 7.48
CA VAL B 147 -0.82 4.82 7.91
C VAL B 147 -1.55 5.95 7.19
N PHE B 148 -1.78 5.72 5.90
CA PHE B 148 -2.44 6.72 5.04
C PHE B 148 -3.88 6.93 5.39
N GLU B 149 -4.54 5.87 5.80
CA GLU B 149 -5.96 5.96 6.19
C GLU B 149 -6.05 6.70 7.50
N ALA B 150 -5.12 6.44 8.41
CA ALA B 150 -5.16 7.10 9.74
C ALA B 150 -4.86 8.56 9.49
N TRP B 151 -3.94 8.81 8.55
CA TRP B 151 -3.46 10.18 8.23
C TRP B 151 -4.62 11.00 7.65
N ARG B 152 -5.42 10.33 6.85
CA ARG B 152 -6.61 10.93 6.23
C ARG B 152 -7.56 11.49 7.32
N GLN B 153 -7.77 10.63 8.30
CA GLN B 153 -8.65 10.94 9.48
C GLN B 153 -8.07 12.11 10.27
N ALA B 154 -6.76 12.23 10.20
CA ALA B 154 -5.99 13.23 10.95
C ALA B 154 -5.73 14.46 10.09
N GLY B 155 -6.42 14.49 8.94
CA GLY B 155 -6.43 15.66 8.02
C GLY B 155 -5.14 15.89 7.24
N PHE B 156 -4.31 14.88 7.14
CA PHE B 156 -3.04 14.98 6.45
C PHE B 156 -2.27 16.17 6.95
N GLU B 157 -2.34 16.36 8.26
CA GLU B 157 -1.54 17.38 8.95
C GLU B 157 -0.07 17.17 8.73
N GLY B 158 0.55 18.27 8.32
CA GLY B 158 2.00 18.33 8.17
C GLY B 158 2.39 17.90 6.79
N GLY B 159 1.37 17.54 6.03
CA GLY B 159 1.58 16.96 4.73
C GLY B 159 0.91 17.86 3.73
N ALA B 160 1.07 17.53 2.48
CA ALA B 160 0.45 18.37 1.48
C ALA B 160 1.23 18.24 0.20
#